data_3FRC
#
_entry.id   3FRC
#
_cell.length_a   57.472
_cell.length_b   69.407
_cell.length_c   123.323
_cell.angle_alpha   90.00
_cell.angle_beta   90.00
_cell.angle_gamma   90.00
#
_symmetry.space_group_name_H-M   'P 21 21 21'
#
loop_
_entity.id
_entity.type
_entity.pdbx_description
1 polymer 'Glutathione S-transferase'
2 non-polymer N-[(4S)-4-ammonio-4-carboxybutanoyl]-S-(4-bromobenzyl)-L-cysteinylglycine
3 water water
#
_entity_poly.entity_id   1
_entity_poly.type   'polypeptide(L)'
_entity_poly.pdbx_seq_one_letter_code
;MGDNIVLYYFDARGKAELIRLIFAYLGIEYTDKRFGVNGDAFVEFKNFKKEKDTPFEQVPILQIGDLILAQSQAIVRYLS
KKYNICGESELNEFYADMIFCGVQDIHYKFNNTNLFKQNETTFLNEDLPKWSGYFEKLLKKNHTNNNNDKYYFVGNNLTY
ADLAVFNLYDDIETKYPSSLKNFPLLKAHNEFISNLPNIKNYITNRKESVY
;
_entity_poly.pdbx_strand_id   A,B
#
# COMPACT_ATOMS: atom_id res chain seq x y z
N ILE A 5 10.90 22.39 -1.32
CA ILE A 5 10.18 21.17 -0.83
C ILE A 5 9.43 21.47 0.47
N VAL A 6 8.11 21.33 0.42
CA VAL A 6 7.25 21.57 1.59
C VAL A 6 6.38 20.34 1.88
N LEU A 7 6.49 19.83 3.11
CA LEU A 7 5.64 18.74 3.58
C LEU A 7 4.53 19.28 4.47
N TYR A 8 3.28 18.95 4.12
CA TYR A 8 2.12 19.35 4.92
C TYR A 8 1.52 18.15 5.60
N TYR A 9 1.32 18.27 6.92
CA TYR A 9 0.64 17.25 7.70
C TYR A 9 0.19 17.91 8.99
N PHE A 10 -0.50 17.13 9.83
CA PHE A 10 -0.85 17.58 11.17
C PHE A 10 0.38 17.56 12.04
N ASP A 11 0.28 18.19 13.21
CA ASP A 11 1.36 18.17 14.20
C ASP A 11 1.35 16.81 14.92
N ALA A 12 1.79 15.80 14.21
CA ALA A 12 1.76 14.43 14.70
C ALA A 12 2.67 13.59 13.80
N ARG A 13 3.07 12.44 14.30
CA ARG A 13 3.85 11.48 13.52
C ARG A 13 2.97 10.91 12.41
N GLY A 14 2.01 10.07 12.79
CA GLY A 14 1.01 9.52 11.88
C GLY A 14 1.55 9.04 10.54
N LYS A 15 0.94 9.50 9.46
CA LYS A 15 1.26 9.03 8.12
C LYS A 15 2.40 9.83 7.45
N ALA A 16 2.96 10.80 8.16
CA ALA A 16 4.04 11.64 7.63
C ALA A 16 5.43 11.33 8.19
N GLU A 17 5.49 10.61 9.31
CA GLU A 17 6.76 10.45 10.03
C GLU A 17 7.84 9.70 9.25
N LEU A 18 7.45 8.68 8.50
CA LEU A 18 8.43 7.98 7.66
C LEU A 18 9.02 8.91 6.60
N ILE A 19 8.19 9.75 5.99
CA ILE A 19 8.70 10.69 5.00
C ILE A 19 9.74 11.62 5.65
N ARG A 20 9.42 12.12 6.85
CA ARG A 20 10.31 12.97 7.62
C ARG A 20 11.62 12.27 7.97
N LEU A 21 11.53 10.99 8.33
CA LEU A 21 12.70 10.16 8.63
C LEU A 21 13.59 9.96 7.42
N ILE A 22 12.97 9.74 6.26
CA ILE A 22 13.68 9.57 5.00
C ILE A 22 14.42 10.85 4.62
N PHE A 23 13.73 11.99 4.74
CA PHE A 23 14.35 13.28 4.48
C PHE A 23 15.54 13.54 5.40
N ALA A 24 15.36 13.20 6.68
CA ALA A 24 16.43 13.28 7.68
C ALA A 24 17.61 12.40 7.31
N TYR A 25 17.33 11.13 6.99
CA TYR A 25 18.37 10.21 6.54
C TYR A 25 19.15 10.74 5.34
N LEU A 26 18.43 11.28 4.35
CA LEU A 26 19.06 11.71 3.10
C LEU A 26 19.69 13.10 3.18
N GLY A 27 19.44 13.82 4.28
CA GLY A 27 20.02 15.15 4.51
C GLY A 27 19.41 16.19 3.60
N ILE A 28 18.18 15.95 3.17
CA ILE A 28 17.47 16.84 2.29
C ILE A 28 16.77 17.91 3.10
N GLU A 29 16.96 19.16 2.71
CA GLU A 29 16.30 20.28 3.37
C GLU A 29 14.90 20.49 2.81
N TYR A 30 13.96 20.69 3.73
CA TYR A 30 12.56 20.90 3.38
C TYR A 30 11.89 21.68 4.48
N THR A 31 10.72 22.25 4.18
CA THR A 31 9.91 22.90 5.19
C THR A 31 8.87 21.90 5.69
N ASP A 32 8.89 21.67 7.00
CA ASP A 32 8.01 20.72 7.65
C ASP A 32 6.78 21.45 8.20
N LYS A 33 5.78 21.67 7.35
CA LYS A 33 4.63 22.47 7.72
C LYS A 33 3.59 21.64 8.46
N ARG A 34 3.25 22.07 9.67
CA ARG A 34 2.33 21.34 10.54
C ARG A 34 1.12 22.19 10.88
N PHE A 35 -0.06 21.60 10.73
CA PHE A 35 -1.31 22.27 11.09
C PHE A 35 -1.44 22.31 12.60
N GLY A 36 -2.03 23.39 13.10
CA GLY A 36 -2.40 23.49 14.50
C GLY A 36 -1.29 23.85 15.46
N VAL A 37 -0.17 24.32 14.92
CA VAL A 37 0.94 24.77 15.75
C VAL A 37 0.68 26.22 16.19
N ASN A 38 0.29 27.06 15.23
CA ASN A 38 0.05 28.48 15.48
C ASN A 38 -1.43 28.82 15.68
N GLY A 39 -2.31 27.91 15.25
CA GLY A 39 -3.75 28.13 15.31
C GLY A 39 -4.59 26.87 15.41
N ASP A 40 -5.82 26.96 14.89
CA ASP A 40 -6.78 25.86 14.94
C ASP A 40 -6.49 24.88 13.79
N ALA A 41 -6.09 23.66 14.14
CA ALA A 41 -5.77 22.61 13.17
C ALA A 41 -6.94 22.29 12.25
N PHE A 42 -8.13 22.19 12.84
CA PHE A 42 -9.33 21.84 12.08
C PHE A 42 -9.63 22.92 11.03
N VAL A 43 -9.40 24.18 11.41
CA VAL A 43 -9.63 25.33 10.54
C VAL A 43 -8.56 25.45 9.46
N GLU A 44 -7.29 25.31 9.86
CA GLU A 44 -6.15 25.39 8.93
C GLU A 44 -6.20 24.31 7.84
N PHE A 45 -6.60 23.10 8.22
CA PHE A 45 -6.78 22.00 7.27
C PHE A 45 -7.93 22.28 6.28
N LYS A 46 -8.95 22.97 6.74
CA LYS A 46 -10.06 23.37 5.87
C LYS A 46 -9.59 24.36 4.80
N ASN A 47 -8.82 25.36 5.21
CA ASN A 47 -8.24 26.34 4.30
C ASN A 47 -7.18 25.76 3.36
N PHE A 48 -6.40 24.83 3.90
CA PHE A 48 -5.40 24.10 3.11
C PHE A 48 -6.03 23.44 1.89
N LYS A 49 -7.15 22.75 2.12
CA LYS A 49 -7.86 22.00 1.08
C LYS A 49 -8.43 22.91 -0.01
N LYS A 50 -8.94 24.08 0.39
CA LYS A 50 -9.44 25.08 -0.55
C LYS A 50 -8.29 25.68 -1.37
N GLU A 51 -7.14 25.90 -0.73
CA GLU A 51 -6.00 26.55 -1.37
C GLU A 51 -5.19 25.62 -2.27
N LYS A 52 -5.00 24.38 -1.83
CA LYS A 52 -4.21 23.39 -2.56
C LYS A 52 -5.09 22.37 -3.27
N ASP A 53 -4.68 22.00 -4.49
CA ASP A 53 -5.39 21.00 -5.27
C ASP A 53 -4.87 19.62 -4.87
N THR A 54 -5.53 19.01 -3.88
CA THR A 54 -5.16 17.66 -3.43
C THR A 54 -6.07 16.67 -4.13
N PRO A 55 -5.55 15.47 -4.45
CA PRO A 55 -6.39 14.50 -5.17
C PRO A 55 -7.48 13.84 -4.30
N PHE A 56 -7.20 13.63 -3.02
CA PHE A 56 -8.10 12.90 -2.15
C PHE A 56 -8.44 13.63 -0.83
N GLU A 57 -8.15 14.92 -0.76
CA GLU A 57 -8.39 15.75 0.44
C GLU A 57 -7.75 15.16 1.71
N GLN A 58 -6.61 14.50 1.51
CA GLN A 58 -5.85 13.91 2.60
C GLN A 58 -4.46 14.55 2.66
N VAL A 59 -3.87 14.50 3.84
CA VAL A 59 -2.44 14.73 4.03
C VAL A 59 -1.84 13.41 4.51
N PRO A 60 -0.52 13.20 4.35
CA PRO A 60 0.52 14.14 3.89
C PRO A 60 0.42 14.57 2.43
N ILE A 61 0.80 15.83 2.20
CA ILE A 61 1.03 16.35 0.86
C ILE A 61 2.48 16.79 0.82
N LEU A 62 3.21 16.35 -0.20
CA LEU A 62 4.54 16.86 -0.47
C LEU A 62 4.44 17.76 -1.69
N GLN A 63 4.86 19.01 -1.53
CA GLN A 63 4.80 19.97 -2.64
C GLN A 63 6.19 20.36 -3.10
N ILE A 64 6.53 19.93 -4.32
CA ILE A 64 7.78 20.32 -4.95
CA ILE A 64 7.78 20.27 -4.99
C ILE A 64 7.49 21.37 -6.01
N GLY A 65 7.85 22.62 -5.68
CA GLY A 65 7.53 23.75 -6.53
C GLY A 65 6.01 23.87 -6.58
N ASP A 66 5.46 23.64 -7.77
CA ASP A 66 4.00 23.60 -7.98
C ASP A 66 3.46 22.18 -8.00
N LEU A 67 4.35 21.19 -8.03
CA LEU A 67 3.96 19.79 -8.10
C LEU A 67 3.38 19.32 -6.76
N ILE A 68 2.17 18.76 -6.80
CA ILE A 68 1.51 18.23 -5.61
C ILE A 68 1.58 16.70 -5.61
N LEU A 69 2.24 16.15 -4.59
CA LEU A 69 2.36 14.71 -4.40
CA LEU A 69 2.36 14.72 -4.41
C LEU A 69 1.55 14.28 -3.19
N ALA A 70 0.68 13.29 -3.38
CA ALA A 70 -0.12 12.74 -2.29
C ALA A 70 0.14 11.24 -2.12
N GLN A 71 -0.40 10.69 -1.04
CA GLN A 71 -0.30 9.27 -0.67
C GLN A 71 1.10 8.91 -0.17
N SER A 72 1.20 8.72 1.14
CA SER A 72 2.48 8.54 1.84
C SER A 72 3.34 7.39 1.29
N GLN A 73 2.73 6.25 0.98
CA GLN A 73 3.51 5.11 0.47
C GLN A 73 4.08 5.41 -0.92
N ALA A 74 3.28 6.07 -1.74
CA ALA A 74 3.70 6.45 -3.09
C ALA A 74 4.87 7.43 -3.04
N ILE A 75 4.76 8.40 -2.14
CA ILE A 75 5.82 9.39 -1.90
C ILE A 75 7.10 8.68 -1.45
N VAL A 76 6.97 7.76 -0.49
CA VAL A 76 8.09 6.97 0.01
C VAL A 76 8.80 6.18 -1.10
N ARG A 77 8.02 5.47 -1.93
CA ARG A 77 8.60 4.72 -3.05
C ARG A 77 9.27 5.66 -4.04
N TYR A 78 8.63 6.78 -4.32
CA TYR A 78 9.16 7.78 -5.26
C TYR A 78 10.51 8.32 -4.77
N LEU A 79 10.56 8.71 -3.51
CA LEU A 79 11.78 9.25 -2.90
C LEU A 79 12.89 8.20 -2.85
N SER A 80 12.51 6.94 -2.57
CA SER A 80 13.47 5.84 -2.47
CA SER A 80 13.49 5.87 -2.47
C SER A 80 14.19 5.60 -3.80
N LYS A 81 13.44 5.70 -4.90
CA LYS A 81 14.02 5.55 -6.24
C LYS A 81 14.87 6.76 -6.59
N LYS A 82 14.36 7.96 -6.30
CA LYS A 82 15.06 9.22 -6.56
C LYS A 82 16.42 9.30 -5.87
N TYR A 83 16.50 8.77 -4.65
CA TYR A 83 17.72 8.85 -3.86
C TYR A 83 18.38 7.49 -3.58
N ASN A 84 18.05 6.51 -4.42
CA ASN A 84 18.68 5.18 -4.43
C ASN A 84 18.76 4.48 -3.06
N ILE A 85 17.65 4.53 -2.31
CA ILE A 85 17.45 3.65 -1.15
C ILE A 85 16.30 2.67 -1.46
N CYS A 86 16.13 2.41 -2.74
CA CYS A 86 15.28 1.34 -3.24
C CYS A 86 16.12 0.07 -3.26
N GLY A 87 15.57 -1.04 -3.75
CA GLY A 87 16.35 -2.28 -3.90
C GLY A 87 17.48 -2.13 -4.91
N GLU A 88 18.52 -2.94 -4.75
CA GLU A 88 19.70 -2.91 -5.63
CA GLU A 88 19.68 -2.88 -5.66
C GLU A 88 19.54 -3.84 -6.84
N SER A 89 18.33 -4.38 -7.00
CA SER A 89 17.94 -5.22 -8.14
C SER A 89 16.42 -5.24 -8.24
N GLU A 90 15.91 -5.73 -9.36
CA GLU A 90 14.47 -5.90 -9.58
C GLU A 90 13.80 -6.69 -8.45
N LEU A 91 14.39 -7.83 -8.08
CA LEU A 91 13.85 -8.68 -7.03
C LEU A 91 14.06 -8.08 -5.64
N ASN A 92 15.21 -7.44 -5.44
CA ASN A 92 15.46 -6.74 -4.17
C ASN A 92 14.44 -5.63 -3.92
N GLU A 93 14.09 -4.88 -4.97
CA GLU A 93 13.04 -3.87 -4.88
C GLU A 93 11.68 -4.51 -4.55
N PHE A 94 11.41 -5.68 -5.12
CA PHE A 94 10.20 -6.41 -4.71
C PHE A 94 10.20 -6.68 -3.21
N TYR A 95 11.32 -7.21 -2.69
CA TYR A 95 11.37 -7.61 -1.30
C TYR A 95 11.23 -6.44 -0.34
N ALA A 96 11.88 -5.32 -0.67
CA ALA A 96 11.73 -4.10 0.12
C ALA A 96 10.27 -3.66 0.14
N ASP A 97 9.62 -3.74 -1.03
CA ASP A 97 8.22 -3.39 -1.21
C ASP A 97 7.33 -4.29 -0.36
N MET A 98 7.58 -5.60 -0.46
CA MET A 98 6.83 -6.60 0.30
CA MET A 98 6.84 -6.62 0.29
C MET A 98 6.91 -6.35 1.79
N ILE A 99 8.10 -6.05 2.29
CA ILE A 99 8.32 -5.78 3.72
C ILE A 99 7.62 -4.49 4.16
N PHE A 100 7.69 -3.47 3.32
CA PHE A 100 6.98 -2.21 3.55
C PHE A 100 5.47 -2.46 3.63
N CYS A 101 4.96 -3.32 2.75
CA CYS A 101 3.56 -3.72 2.78
C CYS A 101 3.20 -4.48 4.06
N GLY A 102 4.12 -5.34 4.52
CA GLY A 102 3.98 -6.01 5.81
C GLY A 102 3.91 -5.01 6.96
N VAL A 103 4.83 -4.04 6.96
CA VAL A 103 4.80 -2.93 7.93
C VAL A 103 3.43 -2.24 7.95
N GLN A 104 2.87 -1.94 6.78
CA GLN A 104 1.51 -1.36 6.70
C GLN A 104 0.45 -2.18 7.44
N ASP A 105 0.47 -3.50 7.27
CA ASP A 105 -0.51 -4.38 7.93
C ASP A 105 -0.49 -4.27 9.46
N ILE A 106 0.70 -4.38 10.04
CA ILE A 106 0.84 -4.32 11.48
C ILE A 106 0.73 -2.88 12.01
N HIS A 107 1.26 -1.91 11.26
CA HIS A 107 1.13 -0.50 11.65
C HIS A 107 -0.34 -0.08 11.75
N TYR A 108 -1.15 -0.52 10.76
CA TYR A 108 -2.59 -0.30 10.79
C TYR A 108 -3.21 -0.77 12.11
N LYS A 109 -2.85 -1.98 12.52
CA LYS A 109 -3.35 -2.58 13.76
C LYS A 109 -2.95 -1.74 14.98
N PHE A 110 -1.70 -1.29 15.00
CA PHE A 110 -1.23 -0.39 16.04
C PHE A 110 -2.03 0.93 16.06
N ASN A 111 -2.21 1.54 14.88
CA ASN A 111 -2.96 2.79 14.78
C ASN A 111 -4.38 2.70 15.31
N ASN A 112 -5.06 1.60 15.00
CA ASN A 112 -6.40 1.34 15.53
C ASN A 112 -6.44 1.32 17.06
N THR A 113 -5.42 0.74 17.66
CA THR A 113 -5.29 0.69 19.12
C THR A 113 -4.82 2.04 19.69
N ASN A 114 -3.64 2.49 19.26
CA ASN A 114 -3.00 3.71 19.76
C ASN A 114 -3.83 4.98 19.59
N LEU A 115 -4.43 5.15 18.42
CA LEU A 115 -5.13 6.40 18.10
C LEU A 115 -6.64 6.25 18.18
N PHE A 116 -7.15 5.15 17.63
CA PHE A 116 -8.59 5.01 17.42
C PHE A 116 -9.28 4.22 18.54
N LYS A 117 -8.57 4.11 19.67
CA LYS A 117 -9.15 3.72 20.98
C LYS A 117 -9.49 2.23 21.21
N GLN A 118 -9.35 1.40 20.19
CA GLN A 118 -9.82 0.00 20.28
C GLN A 118 -8.92 -0.96 21.07
N ASN A 119 -9.46 -2.17 21.27
CA ASN A 119 -8.76 -3.40 21.72
C ASN A 119 -7.23 -3.43 21.74
N GLU A 120 -6.64 -3.06 22.87
CA GLU A 120 -5.18 -3.11 23.02
C GLU A 120 -4.66 -4.53 23.20
N THR A 121 -5.48 -5.40 23.79
CA THR A 121 -5.05 -6.76 24.16
C THR A 121 -4.84 -7.66 22.95
N THR A 122 -5.72 -7.56 21.96
CA THR A 122 -5.56 -8.32 20.74
C THR A 122 -4.25 -7.95 20.03
N PHE A 123 -3.98 -6.65 19.92
CA PHE A 123 -2.74 -6.16 19.34
C PHE A 123 -1.51 -6.67 20.09
N LEU A 124 -1.55 -6.57 21.41
CA LEU A 124 -0.40 -6.96 22.25
C LEU A 124 -0.19 -8.47 22.34
N ASN A 125 -1.27 -9.24 22.31
CA ASN A 125 -1.19 -10.69 22.52
C ASN A 125 -1.21 -11.52 21.23
N GLU A 126 -1.80 -10.99 20.17
CA GLU A 126 -2.03 -11.77 18.97
C GLU A 126 -1.38 -11.21 17.71
N ASP A 127 -1.22 -9.89 17.65
CA ASP A 127 -0.67 -9.23 16.46
C ASP A 127 0.83 -8.96 16.57
N LEU A 128 1.22 -8.21 17.60
CA LEU A 128 2.59 -7.69 17.70
C LEU A 128 3.69 -8.76 17.84
N PRO A 129 3.50 -9.77 18.70
CA PRO A 129 4.59 -10.75 18.80
C PRO A 129 4.68 -11.61 17.54
N LYS A 130 3.54 -11.84 16.89
CA LYS A 130 3.48 -12.64 15.68
C LYS A 130 4.18 -11.92 14.51
N TRP A 131 3.91 -10.62 14.36
CA TRP A 131 4.54 -9.80 13.32
C TRP A 131 6.01 -9.51 13.58
N SER A 132 6.37 -9.33 14.85
CA SER A 132 7.77 -9.20 15.25
C SER A 132 8.56 -10.46 14.87
N GLY A 133 7.96 -11.62 15.10
CA GLY A 133 8.53 -12.90 14.66
C GLY A 133 8.71 -13.01 13.15
N TYR A 134 7.73 -12.51 12.39
CA TYR A 134 7.81 -12.47 10.93
C TYR A 134 9.02 -11.64 10.48
N PHE A 135 9.19 -10.47 11.09
CA PHE A 135 10.31 -9.56 10.77
C PHE A 135 11.65 -10.13 11.22
N GLU A 136 11.68 -10.72 12.42
CA GLU A 136 12.86 -11.41 12.91
C GLU A 136 13.32 -12.54 11.97
N LYS A 137 12.36 -13.29 11.42
CA LYS A 137 12.68 -14.39 10.52
C LYS A 137 13.20 -13.88 9.17
N LEU A 138 12.65 -12.75 8.72
CA LEU A 138 13.11 -12.08 7.50
C LEU A 138 14.55 -11.59 7.65
N LEU A 139 14.87 -11.02 8.81
CA LEU A 139 16.24 -10.60 9.12
C LEU A 139 17.19 -11.79 9.14
N LYS A 140 16.76 -12.89 9.76
CA LYS A 140 17.55 -14.13 9.79
C LYS A 140 17.83 -14.65 8.39
N LYS A 141 16.81 -14.61 7.52
CA LYS A 141 16.94 -15.06 6.12
C LYS A 141 18.03 -14.31 5.36
N ASN A 142 18.02 -12.99 5.46
CA ASN A 142 18.96 -12.16 4.69
C ASN A 142 20.42 -12.37 5.09
N HIS A 143 20.65 -12.64 6.38
CA HIS A 143 21.97 -13.00 6.87
C HIS A 143 22.30 -14.47 6.56
N THR A 144 21.24 -15.30 6.51
CA THR A 144 21.32 -16.74 6.26
C THR A 144 22.16 -17.50 7.29
N ASN A 145 23.42 -17.76 6.94
CA ASN A 145 24.42 -18.26 7.89
C ASN A 145 25.69 -17.40 7.77
N ASN A 146 26.50 -17.40 8.82
CA ASN A 146 27.76 -16.64 8.87
C ASN A 146 27.57 -15.14 8.62
N TYR A 151 22.82 -6.21 9.28
CA TYR A 151 21.64 -5.62 9.90
C TYR A 151 20.42 -5.65 8.99
N TYR A 152 20.63 -5.37 7.70
CA TYR A 152 19.56 -4.96 6.78
C TYR A 152 18.57 -6.06 6.35
N PHE A 153 17.34 -5.63 6.04
CA PHE A 153 16.30 -6.55 5.56
C PHE A 153 16.58 -7.06 4.15
N VAL A 154 17.04 -6.16 3.28
CA VAL A 154 17.19 -6.46 1.87
C VAL A 154 18.59 -6.06 1.42
N GLY A 155 19.30 -7.03 0.83
CA GLY A 155 20.66 -6.82 0.37
C GLY A 155 21.60 -6.55 1.53
N ASN A 156 22.67 -5.81 1.28
CA ASN A 156 23.55 -5.42 2.37
C ASN A 156 23.75 -3.90 2.45
N ASN A 157 22.82 -3.16 1.85
CA ASN A 157 22.73 -1.72 2.04
C ASN A 157 21.34 -1.33 2.51
N LEU A 158 21.23 -0.13 3.08
CA LEU A 158 19.99 0.40 3.63
C LEU A 158 18.97 0.62 2.53
N THR A 159 17.76 0.13 2.76
CA THR A 159 16.62 0.45 1.90
C THR A 159 15.56 1.16 2.72
N TYR A 160 14.53 1.67 2.05
CA TYR A 160 13.42 2.30 2.77
C TYR A 160 12.68 1.32 3.68
N ALA A 161 12.77 0.02 3.35
CA ALA A 161 12.20 -1.03 4.21
C ALA A 161 12.81 -1.03 5.60
N ASP A 162 14.12 -0.82 5.67
CA ASP A 162 14.80 -0.69 6.96
C ASP A 162 14.23 0.45 7.78
N LEU A 163 14.05 1.61 7.14
CA LEU A 163 13.54 2.80 7.80
C LEU A 163 12.06 2.67 8.18
N ALA A 164 11.32 1.94 7.36
CA ALA A 164 9.89 1.67 7.61
C ALA A 164 9.70 0.81 8.86
N VAL A 165 10.51 -0.24 9.00
CA VAL A 165 10.50 -1.10 10.17
C VAL A 165 10.95 -0.34 11.43
N PHE A 166 12.01 0.45 11.31
CA PHE A 166 12.43 1.33 12.41
C PHE A 166 11.29 2.25 12.88
N ASN A 167 10.68 2.98 11.95
CA ASN A 167 9.57 3.87 12.27
C ASN A 167 8.42 3.13 12.93
N LEU A 168 8.12 1.94 12.43
CA LEU A 168 7.07 1.10 13.00
C LEU A 168 7.27 0.90 14.50
N TYR A 169 8.44 0.40 14.88
CA TYR A 169 8.71 0.08 16.29
C TYR A 169 8.96 1.32 17.13
N ASP A 170 9.50 2.36 16.50
CA ASP A 170 9.65 3.66 17.16
C ASP A 170 8.28 4.19 17.57
N ASP A 171 7.32 4.14 16.65
CA ASP A 171 5.94 4.49 16.92
C ASP A 171 5.34 3.61 18.03
N ILE A 172 5.47 2.30 17.89
CA ILE A 172 4.95 1.36 18.90
C ILE A 172 5.54 1.63 20.30
N GLU A 173 6.85 1.90 20.35
CA GLU A 173 7.55 2.12 21.61
C GLU A 173 7.15 3.40 22.36
N THR A 174 6.51 4.35 21.68
CA THR A 174 5.98 5.55 22.34
C THR A 174 4.83 5.18 23.27
N LYS A 175 4.24 4.01 23.05
CA LYS A 175 3.14 3.51 23.87
C LYS A 175 3.54 2.23 24.61
N TYR A 176 4.28 1.35 23.92
CA TYR A 176 4.66 0.05 24.47
C TYR A 176 6.16 -0.23 24.46
N PRO A 177 6.91 0.37 25.40
CA PRO A 177 8.30 -0.01 25.56
C PRO A 177 8.48 -1.21 26.51
N SER A 178 9.32 -2.17 26.15
CA SER A 178 9.90 -2.25 24.82
C SER A 178 9.59 -3.63 24.26
N SER A 179 8.94 -3.61 23.11
CA SER A 179 8.37 -4.81 22.50
C SER A 179 9.41 -5.78 21.93
N LEU A 180 10.68 -5.38 21.95
CA LEU A 180 11.74 -6.12 21.25
C LEU A 180 12.67 -6.99 22.10
N LYS A 181 12.26 -7.31 23.33
CA LYS A 181 13.05 -8.18 24.21
C LYS A 181 13.37 -9.54 23.60
N ASN A 182 12.36 -10.17 22.99
CA ASN A 182 12.48 -11.53 22.46
C ASN A 182 12.98 -11.59 21.01
N PHE A 183 13.27 -10.43 20.44
CA PHE A 183 13.63 -10.35 19.02
C PHE A 183 14.96 -9.60 18.84
N PRO A 184 16.08 -10.31 19.09
CA PRO A 184 17.42 -9.70 19.11
C PRO A 184 17.87 -9.09 17.78
N LEU A 185 17.60 -9.76 16.66
CA LEU A 185 18.00 -9.22 15.35
C LEU A 185 17.25 -7.94 15.04
N LEU A 186 15.94 -7.95 15.34
CA LEU A 186 15.08 -6.77 15.18
C LEU A 186 15.49 -5.65 16.14
N LYS A 187 15.84 -6.02 17.37
CA LYS A 187 16.37 -5.09 18.36
C LYS A 187 17.68 -4.46 17.86
N ALA A 188 18.58 -5.29 17.35
CA ALA A 188 19.88 -4.82 16.84
C ALA A 188 19.70 -3.93 15.62
N HIS A 189 18.82 -4.36 14.71
CA HIS A 189 18.52 -3.62 13.48
C HIS A 189 18.06 -2.19 13.76
N ASN A 190 17.12 -2.07 14.68
CA ASN A 190 16.52 -0.79 15.00
C ASN A 190 17.47 0.11 15.79
N GLU A 191 18.25 -0.51 16.69
CA GLU A 191 19.31 0.22 17.41
C GLU A 191 20.32 0.82 16.43
N PHE A 192 20.71 0.02 15.43
CA PHE A 192 21.66 0.44 14.40
C PHE A 192 21.16 1.64 13.59
N ILE A 193 19.88 1.64 13.24
CA ILE A 193 19.29 2.75 12.49
C ILE A 193 19.24 4.03 13.33
N SER A 194 18.83 3.89 14.59
CA SER A 194 18.69 5.02 15.50
C SER A 194 20.02 5.74 15.77
N ASN A 195 21.12 5.04 15.54
CA ASN A 195 22.45 5.60 15.82
C ASN A 195 23.18 6.18 14.62
N LEU A 196 22.57 6.06 13.43
CA LEU A 196 23.09 6.74 12.24
C LEU A 196 23.00 8.25 12.44
N PRO A 197 24.10 8.98 12.19
CA PRO A 197 24.24 10.41 12.50
C PRO A 197 23.00 11.24 12.18
N ASN A 198 22.55 11.19 10.93
CA ASN A 198 21.38 11.95 10.49
C ASN A 198 20.08 11.57 11.23
N ILE A 199 19.96 10.29 11.57
CA ILE A 199 18.76 9.78 12.25
C ILE A 199 18.78 10.17 13.72
N LYS A 200 19.92 9.96 14.38
CA LYS A 200 20.09 10.27 15.80
C LYS A 200 19.80 11.74 16.07
N ASN A 201 20.32 12.60 15.19
CA ASN A 201 20.12 14.04 15.32
C ASN A 201 18.67 14.45 15.10
N TYR A 202 18.01 13.82 14.14
CA TYR A 202 16.58 14.07 13.91
C TYR A 202 15.75 13.68 15.14
N ILE A 203 16.05 12.52 15.71
CA ILE A 203 15.33 12.01 16.89
C ILE A 203 15.46 12.94 18.10
N THR A 204 16.69 13.37 18.40
CA THR A 204 16.92 14.27 19.55
C THR A 204 16.25 15.63 19.36
N ASN A 205 16.33 16.17 18.14
CA ASN A 205 15.67 17.42 17.81
C ASN A 205 14.15 17.33 17.90
N ARG A 206 13.59 16.18 17.51
CA ARG A 206 12.16 15.91 17.56
C ARG A 206 11.61 15.99 18.99
N LYS A 207 12.32 15.41 19.95
CA LYS A 207 11.94 15.51 21.37
C LYS A 207 12.42 16.83 22.00
N GLU A 208 12.59 17.85 21.15
CA GLU A 208 13.01 19.21 21.53
C GLU A 208 14.50 19.30 21.91
N SER A 209 15.27 19.89 21.00
CA SER A 209 16.71 20.13 21.19
C SER A 209 17.24 21.10 20.11
N ASN B 4 7.32 -22.13 -13.71
CA ASN B 4 5.85 -22.33 -13.58
C ASN B 4 5.25 -21.33 -12.60
N ILE B 5 4.14 -20.72 -12.98
CA ILE B 5 3.53 -19.63 -12.21
C ILE B 5 2.25 -20.10 -11.53
N VAL B 6 2.25 -20.05 -10.20
CA VAL B 6 1.10 -20.46 -9.41
C VAL B 6 0.64 -19.33 -8.49
N LEU B 7 -0.65 -19.05 -8.54
CA LEU B 7 -1.26 -18.09 -7.63
C LEU B 7 -2.10 -18.83 -6.61
N TYR B 8 -1.83 -18.59 -5.33
CA TYR B 8 -2.58 -19.20 -4.23
C TYR B 8 -3.42 -18.16 -3.52
N TYR B 9 -4.71 -18.44 -3.39
CA TYR B 9 -5.62 -17.61 -2.63
C TYR B 9 -6.84 -18.45 -2.27
N PHE B 10 -7.77 -17.87 -1.52
CA PHE B 10 -9.05 -18.50 -1.28
C PHE B 10 -9.91 -18.44 -2.55
N ASP B 11 -11.00 -19.19 -2.55
CA ASP B 11 -11.89 -19.22 -3.70
C ASP B 11 -12.77 -17.97 -3.65
N ALA B 12 -12.13 -16.85 -3.96
CA ALA B 12 -12.71 -15.52 -3.84
C ALA B 12 -11.91 -14.56 -4.71
N ARG B 13 -12.45 -13.37 -4.93
CA ARG B 13 -11.78 -12.35 -5.70
C ARG B 13 -10.85 -11.59 -4.77
N GLY B 14 -11.42 -10.87 -3.81
CA GLY B 14 -10.69 -10.24 -2.71
C GLY B 14 -9.33 -9.66 -3.08
N LYS B 15 -8.31 -10.10 -2.35
CA LYS B 15 -6.96 -9.54 -2.49
C LYS B 15 -6.15 -10.11 -3.66
N ALA B 16 -6.76 -11.05 -4.39
CA ALA B 16 -6.07 -11.69 -5.53
C ALA B 16 -6.59 -11.26 -6.90
N GLU B 17 -7.75 -10.62 -6.97
CA GLU B 17 -8.41 -10.38 -8.26
C GLU B 17 -7.67 -9.41 -9.19
N LEU B 18 -7.09 -8.35 -8.64
CA LEU B 18 -6.30 -7.43 -9.46
C LEU B 18 -5.09 -8.13 -10.08
N ILE B 19 -4.48 -9.05 -9.34
CA ILE B 19 -3.38 -9.86 -9.87
C ILE B 19 -3.87 -10.74 -11.03
N ARG B 20 -5.02 -11.37 -10.84
CA ARG B 20 -5.64 -12.18 -11.89
C ARG B 20 -5.98 -11.35 -13.14
N LEU B 21 -6.50 -10.16 -12.93
CA LEU B 21 -6.82 -9.24 -14.02
C LEU B 21 -5.58 -8.83 -14.80
N ILE B 22 -4.50 -8.58 -14.07
CA ILE B 22 -3.22 -8.25 -14.67
C ILE B 22 -2.67 -9.40 -15.53
N PHE B 23 -2.81 -10.63 -15.04
CA PHE B 23 -2.37 -11.82 -15.78
C PHE B 23 -3.20 -11.99 -17.06
N ALA B 24 -4.49 -11.69 -16.95
CA ALA B 24 -5.40 -11.78 -18.08
C ALA B 24 -5.04 -10.76 -19.13
N TYR B 25 -4.89 -9.50 -18.71
CA TYR B 25 -4.46 -8.42 -19.59
C TYR B 25 -3.13 -8.72 -20.30
N LEU B 26 -2.17 -9.25 -19.54
CA LEU B 26 -0.83 -9.48 -20.07
C LEU B 26 -0.67 -10.78 -20.84
N GLY B 27 -1.73 -11.58 -20.89
CA GLY B 27 -1.73 -12.86 -21.58
C GLY B 27 -0.85 -13.91 -20.93
N ILE B 28 -0.66 -13.79 -19.61
CA ILE B 28 0.27 -14.66 -18.88
C ILE B 28 -0.39 -15.94 -18.38
N GLU B 29 0.30 -17.04 -18.67
CA GLU B 29 -0.13 -18.38 -18.32
CA GLU B 29 -0.16 -18.37 -18.30
C GLU B 29 0.19 -18.68 -16.86
N TYR B 30 -0.81 -19.11 -16.09
CA TYR B 30 -0.60 -19.44 -14.69
C TYR B 30 -1.65 -20.41 -14.18
N THR B 31 -1.35 -21.05 -13.05
CA THR B 31 -2.33 -21.88 -12.36
C THR B 31 -3.01 -21.09 -11.25
N ASP B 32 -4.34 -21.05 -11.30
CA ASP B 32 -5.15 -20.31 -10.33
C ASP B 32 -5.61 -21.24 -9.21
N LYS B 33 -4.77 -21.38 -8.18
CA LYS B 33 -5.06 -22.30 -7.10
C LYS B 33 -5.88 -21.63 -6.01
N ARG B 34 -7.06 -22.20 -5.74
CA ARG B 34 -8.01 -21.64 -4.78
C ARG B 34 -8.34 -22.64 -3.68
N PHE B 35 -8.24 -22.22 -2.42
CA PHE B 35 -8.59 -23.07 -1.29
C PHE B 35 -10.10 -23.27 -1.23
N GLY B 36 -10.52 -24.50 -0.99
CA GLY B 36 -11.93 -24.81 -0.77
C GLY B 36 -12.72 -25.22 -2.00
N VAL B 37 -12.03 -25.41 -3.13
CA VAL B 37 -12.67 -25.85 -4.37
C VAL B 37 -12.71 -27.38 -4.39
N GLY B 39 -11.89 -29.08 -1.07
CA GLY B 39 -12.90 -29.30 -0.03
C GLY B 39 -12.90 -28.25 1.07
N ASP B 40 -12.20 -28.55 2.17
CA ASP B 40 -12.19 -27.67 3.34
C ASP B 40 -11.08 -26.62 3.22
N ALA B 41 -11.47 -25.39 2.89
CA ALA B 41 -10.54 -24.28 2.74
C ALA B 41 -9.71 -24.01 3.99
N PHE B 42 -10.33 -24.18 5.15
CA PHE B 42 -9.67 -23.91 6.42
C PHE B 42 -8.50 -24.86 6.66
N VAL B 43 -8.77 -26.16 6.51
CA VAL B 43 -7.74 -27.19 6.62
C VAL B 43 -6.68 -27.01 5.52
N GLU B 44 -7.12 -26.77 4.28
CA GLU B 44 -6.18 -26.57 3.16
C GLU B 44 -5.22 -25.40 3.38
N PHE B 45 -5.74 -24.30 3.94
CA PHE B 45 -4.90 -23.13 4.23
C PHE B 45 -3.84 -23.45 5.30
N LYS B 46 -4.26 -24.15 6.35
CA LYS B 46 -3.33 -24.65 7.36
C LYS B 46 -2.22 -25.50 6.75
N ASN B 47 -2.59 -26.46 5.89
CA ASN B 47 -1.62 -27.27 5.17
C ASN B 47 -0.67 -26.44 4.31
N PHE B 48 -1.24 -25.44 3.62
CA PHE B 48 -0.48 -24.56 2.72
C PHE B 48 0.66 -23.84 3.45
N LYS B 49 0.34 -23.25 4.60
CA LYS B 49 1.31 -22.49 5.41
C LYS B 49 2.47 -23.33 5.91
N LYS B 50 2.20 -24.61 6.16
CA LYS B 50 3.22 -25.53 6.64
C LYS B 50 4.08 -26.00 5.47
N GLU B 51 3.44 -26.18 4.31
CA GLU B 51 4.12 -26.63 3.09
C GLU B 51 4.97 -25.51 2.46
N LYS B 52 4.46 -24.28 2.47
CA LYS B 52 5.14 -23.16 1.82
C LYS B 52 5.78 -22.16 2.80
N ASP B 53 6.97 -21.68 2.45
CA ASP B 53 7.68 -20.69 3.27
C ASP B 53 7.13 -19.30 3.01
N THR B 54 6.07 -18.99 3.74
CA THR B 54 5.34 -17.76 3.60
C THR B 54 5.88 -16.72 4.60
N PRO B 55 6.15 -15.48 4.14
CA PRO B 55 6.73 -14.44 5.01
C PRO B 55 5.80 -13.95 6.13
N PHE B 56 4.49 -13.89 5.86
CA PHE B 56 3.52 -13.32 6.81
C PHE B 56 2.27 -14.18 7.07
N GLU B 57 2.32 -15.45 6.67
CA GLU B 57 1.18 -16.37 6.83
C GLU B 57 -0.13 -15.83 6.25
N GLN B 58 0.00 -15.05 5.16
CA GLN B 58 -1.13 -14.52 4.39
C GLN B 58 -1.06 -14.98 2.93
N VAL B 59 -2.21 -14.98 2.28
CA VAL B 59 -2.30 -15.05 0.83
C VAL B 59 -2.89 -13.71 0.33
N PRO B 60 -2.76 -13.38 -0.97
CA PRO B 60 -2.18 -14.18 -2.05
C PRO B 60 -0.68 -14.43 -1.94
N ILE B 61 -0.29 -15.59 -2.44
CA ILE B 61 1.11 -15.92 -2.65
C ILE B 61 1.25 -16.18 -4.14
N LEU B 62 2.26 -15.57 -4.74
CA LEU B 62 2.62 -15.86 -6.11
C LEU B 62 3.91 -16.67 -6.09
N GLN B 63 3.89 -17.86 -6.69
CA GLN B 63 5.07 -18.70 -6.75
C GLN B 63 5.53 -18.85 -8.20
N ILE B 64 6.73 -18.34 -8.46
CA ILE B 64 7.36 -18.39 -9.78
C ILE B 64 8.58 -19.30 -9.61
N GLY B 65 8.44 -20.55 -10.08
CA GLY B 65 9.43 -21.58 -9.80
C GLY B 65 9.52 -21.82 -8.31
N ASP B 66 10.68 -21.51 -7.73
CA ASP B 66 10.90 -21.62 -6.29
C ASP B 66 10.77 -20.26 -5.56
N LEU B 67 10.54 -19.20 -6.32
CA LEU B 67 10.33 -17.87 -5.73
C LEU B 67 8.96 -17.77 -5.09
N ILE B 68 8.94 -17.37 -3.82
CA ILE B 68 7.71 -17.08 -3.12
C ILE B 68 7.57 -15.56 -3.11
N LEU B 69 6.45 -15.08 -3.61
CA LEU B 69 6.14 -13.66 -3.56
C LEU B 69 4.88 -13.45 -2.76
N ALA B 70 4.94 -12.54 -1.78
CA ALA B 70 3.77 -12.17 -0.97
C ALA B 70 3.45 -10.70 -1.09
N GLN B 71 2.30 -10.34 -0.52
CA GLN B 71 1.76 -8.96 -0.46
C GLN B 71 1.21 -8.49 -1.80
N SER B 72 -0.12 -8.49 -1.91
CA SER B 72 -0.81 -8.22 -3.16
C SER B 72 -0.36 -6.94 -3.86
N GLN B 73 -0.18 -5.85 -3.10
CA GLN B 73 0.30 -4.57 -3.65
C GLN B 73 1.71 -4.65 -4.23
N ALA B 74 2.60 -5.33 -3.51
CA ALA B 74 3.96 -5.53 -3.97
C ALA B 74 3.99 -6.36 -5.23
N ILE B 75 3.16 -7.40 -5.27
CA ILE B 75 3.05 -8.28 -6.45
C ILE B 75 2.53 -7.47 -7.64
N VAL B 76 1.46 -6.71 -7.42
CA VAL B 76 0.93 -5.82 -8.46
C VAL B 76 2.01 -4.91 -9.03
N ARG B 77 2.74 -4.21 -8.15
CA ARG B 77 3.78 -3.28 -8.59
C ARG B 77 4.91 -3.99 -9.32
N TYR B 78 5.26 -5.18 -8.82
CA TYR B 78 6.33 -5.98 -9.43
C TYR B 78 5.99 -6.36 -10.86
N LEU B 79 4.76 -6.83 -11.07
CA LEU B 79 4.31 -7.25 -12.39
C LEU B 79 4.18 -6.08 -13.36
N SER B 80 3.60 -4.98 -12.88
CA SER B 80 3.35 -3.81 -13.71
C SER B 80 4.63 -3.16 -14.19
N LYS B 81 5.64 -3.15 -13.34
CA LYS B 81 6.96 -2.64 -13.70
C LYS B 81 7.63 -3.55 -14.73
N LYS B 82 7.52 -4.86 -14.51
CA LYS B 82 8.15 -5.86 -15.37
C LYS B 82 7.58 -5.84 -16.79
N TYR B 83 6.27 -5.61 -16.90
CA TYR B 83 5.56 -5.65 -18.18
C TYR B 83 5.08 -4.27 -18.66
N ASN B 84 5.72 -3.22 -18.16
CA ASN B 84 5.53 -1.85 -18.64
C ASN B 84 4.11 -1.29 -18.61
N ILE B 85 3.40 -1.50 -17.50
CA ILE B 85 2.09 -0.86 -17.31
C ILE B 85 2.05 -0.05 -16.01
N CYS B 86 3.18 0.57 -15.68
CA CYS B 86 3.31 1.35 -14.45
C CYS B 86 3.41 2.86 -14.74
N GLY B 87 3.39 3.24 -16.01
CA GLY B 87 3.51 4.64 -16.41
C GLY B 87 4.77 4.81 -17.24
N GLU B 88 4.75 5.77 -18.16
CA GLU B 88 5.85 5.86 -19.13
C GLU B 88 6.81 7.02 -18.90
N SER B 89 6.94 7.38 -17.62
CA SER B 89 7.92 8.34 -17.12
C SER B 89 8.00 8.13 -15.62
N GLU B 90 9.00 8.74 -14.97
CA GLU B 90 9.18 8.60 -13.53
C GLU B 90 8.04 9.24 -12.72
N LEU B 91 7.56 10.40 -13.17
CA LEU B 91 6.43 11.08 -12.55
C LEU B 91 5.12 10.32 -12.77
N ASN B 92 4.91 9.81 -13.99
CA ASN B 92 3.71 9.03 -14.30
C ASN B 92 3.66 7.73 -13.51
N GLU B 93 4.84 7.15 -13.27
CA GLU B 93 4.95 6.01 -12.38
C GLU B 93 4.52 6.38 -10.96
N PHE B 94 4.97 7.55 -10.48
CA PHE B 94 4.44 8.07 -9.22
C PHE B 94 2.90 8.21 -9.23
N TYR B 95 2.36 8.90 -10.24
CA TYR B 95 0.91 9.15 -10.31
C TYR B 95 0.10 7.87 -10.31
N ALA B 96 0.58 6.87 -11.05
CA ALA B 96 -0.04 5.54 -11.05
C ALA B 96 -0.05 4.96 -9.63
N ASP B 97 1.07 5.14 -8.94
CA ASP B 97 1.23 4.65 -7.57
C ASP B 97 0.28 5.39 -6.63
N MET B 98 0.21 6.70 -6.77
CA MET B 98 -0.67 7.52 -5.94
C MET B 98 -2.14 7.12 -6.10
N ILE B 99 -2.55 6.90 -7.35
CA ILE B 99 -3.94 6.53 -7.63
C ILE B 99 -4.27 5.14 -7.05
N PHE B 100 -3.36 4.18 -7.22
CA PHE B 100 -3.52 2.84 -6.63
C PHE B 100 -3.60 2.91 -5.10
N CYS B 101 -2.78 3.74 -4.48
CA CYS B 101 -2.85 3.93 -3.04
C CYS B 101 -4.21 4.51 -2.60
N GLY B 102 -4.78 5.39 -3.43
CA GLY B 102 -6.11 5.96 -3.18
C GLY B 102 -7.21 4.93 -3.31
N VAL B 103 -7.11 4.10 -4.34
CA VAL B 103 -7.97 2.94 -4.50
C VAL B 103 -7.95 2.07 -3.24
N GLN B 104 -6.75 1.85 -2.67
CA GLN B 104 -6.62 1.05 -1.46
C GLN B 104 -7.40 1.63 -0.28
N ASP B 105 -7.37 2.95 -0.11
CA ASP B 105 -8.08 3.61 0.98
C ASP B 105 -9.57 3.32 0.93
N ILE B 106 -10.17 3.55 -0.23
CA ILE B 106 -11.60 3.31 -0.39
C ILE B 106 -11.96 1.82 -0.50
N HIS B 107 -11.06 1.01 -1.07
CA HIS B 107 -11.32 -0.43 -1.12
C HIS B 107 -11.36 -1.03 0.29
N TYR B 108 -10.43 -0.60 1.14
CA TYR B 108 -10.41 -1.07 2.52
CA TYR B 108 -10.40 -1.03 2.55
C TYR B 108 -11.74 -0.79 3.23
N LYS B 109 -12.30 0.39 3.01
CA LYS B 109 -13.59 0.78 3.57
C LYS B 109 -14.71 -0.11 3.03
N PHE B 110 -14.68 -0.41 1.74
CA PHE B 110 -15.66 -1.32 1.17
C PHE B 110 -15.53 -2.72 1.76
N ASN B 111 -14.30 -3.22 1.86
CA ASN B 111 -14.07 -4.55 2.42
C ASN B 111 -14.65 -4.70 3.83
N ASN B 112 -14.40 -3.70 4.68
CA ASN B 112 -14.90 -3.71 6.06
C ASN B 112 -16.42 -3.78 6.15
N THR B 113 -17.08 -3.18 5.17
CA THR B 113 -18.54 -3.14 5.10
C THR B 113 -19.10 -4.41 4.49
N ASN B 114 -18.63 -4.74 3.29
CA ASN B 114 -19.09 -5.90 2.52
C ASN B 114 -18.77 -7.25 3.19
N LEU B 115 -17.61 -7.33 3.82
CA LEU B 115 -17.13 -8.60 4.39
C LEU B 115 -17.47 -8.71 5.85
N PHE B 116 -17.05 -7.71 6.61
CA PHE B 116 -17.09 -7.81 8.06
C PHE B 116 -18.16 -6.95 8.68
N LYS B 117 -19.24 -6.81 7.91
CA LYS B 117 -20.57 -6.38 8.36
C LYS B 117 -20.78 -4.91 8.76
N GLN B 118 -19.72 -4.23 9.20
CA GLN B 118 -19.80 -2.82 9.59
C GLN B 118 -20.81 -2.11 8.67
N ASN B 119 -21.91 -1.63 9.27
N ASN B 119 -21.90 -1.63 9.26
CA ASN B 119 -23.05 -1.04 8.56
CA ASN B 119 -23.07 -1.18 8.50
C ASN B 119 -22.70 -0.22 7.32
C ASN B 119 -22.74 -0.24 7.34
N GLU B 120 -23.43 -0.47 6.23
CA GLU B 120 -23.14 0.12 4.93
C GLU B 120 -23.48 1.59 4.73
N THR B 121 -24.32 2.14 5.61
CA THR B 121 -24.82 3.51 5.44
C THR B 121 -23.69 4.53 5.25
N THR B 122 -22.74 4.54 6.17
CA THR B 122 -21.59 5.45 6.12
C THR B 122 -20.81 5.30 4.80
N PHE B 123 -20.51 4.06 4.43
CA PHE B 123 -19.80 3.80 3.20
C PHE B 123 -20.55 4.33 1.98
N LEU B 124 -21.83 3.98 1.88
CA LEU B 124 -22.65 4.32 0.73
C LEU B 124 -22.97 5.81 0.59
N ASN B 125 -23.18 6.48 1.72
CA ASN B 125 -23.62 7.89 1.72
C ASN B 125 -22.50 8.91 1.87
N GLU B 126 -21.41 8.50 2.50
CA GLU B 126 -20.30 9.42 2.82
C GLU B 126 -19.00 9.06 2.09
N ASP B 127 -18.57 7.81 2.19
CA ASP B 127 -17.28 7.39 1.60
C ASP B 127 -17.31 7.22 0.09
N LEU B 128 -18.25 6.42 -0.41
CA LEU B 128 -18.29 6.08 -1.84
C LEU B 128 -18.57 7.27 -2.78
N PRO B 129 -19.55 8.13 -2.45
CA PRO B 129 -19.79 9.26 -3.36
C PRO B 129 -18.59 10.20 -3.44
N LYS B 130 -17.97 10.44 -2.29
CA LYS B 130 -16.84 11.37 -2.15
C LYS B 130 -15.61 10.87 -2.91
N TRP B 131 -15.30 9.59 -2.74
CA TRP B 131 -14.18 8.97 -3.45
C TRP B 131 -14.42 8.80 -4.95
N SER B 132 -15.67 8.47 -5.32
CA SER B 132 -16.04 8.47 -6.73
C SER B 132 -15.78 9.84 -7.38
N GLY B 133 -16.11 10.91 -6.64
CA GLY B 133 -15.80 12.28 -7.06
C GLY B 133 -14.31 12.56 -7.26
N TYR B 134 -13.48 12.03 -6.36
CA TYR B 134 -12.03 12.18 -6.50
C TYR B 134 -11.51 11.53 -7.79
N PHE B 135 -11.96 10.31 -8.04
CA PHE B 135 -11.55 9.59 -9.26
C PHE B 135 -12.07 10.24 -10.53
N GLU B 136 -13.33 10.70 -10.49
CA GLU B 136 -13.93 11.48 -11.58
C GLU B 136 -13.08 12.70 -11.95
N LYS B 137 -12.62 13.44 -10.94
CA LYS B 137 -11.81 14.64 -11.15
C LYS B 137 -10.43 14.30 -11.73
N LEU B 138 -9.85 13.20 -11.28
CA LEU B 138 -8.58 12.72 -11.81
C LEU B 138 -8.68 12.33 -13.29
N LEU B 139 -9.78 11.72 -13.68
CA LEU B 139 -10.01 11.36 -15.08
C LEU B 139 -10.20 12.59 -15.94
N LYS B 140 -10.98 13.55 -15.46
CA LYS B 140 -11.21 14.82 -16.13
C LYS B 140 -9.88 15.54 -16.42
N LYS B 141 -8.97 15.53 -15.45
CA LYS B 141 -7.64 16.13 -15.58
C LYS B 141 -6.82 15.54 -16.74
N ASN B 142 -7.08 14.27 -17.04
CA ASN B 142 -6.31 13.54 -18.06
C ASN B 142 -7.15 13.28 -19.33
N HIS B 143 -8.35 13.84 -19.37
CA HIS B 143 -9.25 13.64 -20.52
C HIS B 143 -9.32 14.90 -21.38
N ASN B 148 -12.09 9.27 -28.83
CA ASN B 148 -11.88 8.40 -27.67
C ASN B 148 -13.15 8.30 -26.81
N ASP B 149 -13.64 7.09 -26.50
CA ASP B 149 -13.02 5.77 -26.77
C ASP B 149 -12.12 5.32 -25.61
N LYS B 150 -10.98 5.98 -25.43
CA LYS B 150 -10.03 5.62 -24.38
C LYS B 150 -10.07 6.56 -23.19
N TYR B 151 -9.98 5.98 -22.00
CA TYR B 151 -10.02 6.70 -20.74
C TYR B 151 -8.89 6.18 -19.87
N TYR B 152 -7.85 7.00 -19.69
CA TYR B 152 -6.73 6.64 -18.82
C TYR B 152 -6.60 7.60 -17.65
N PHE B 153 -6.23 7.05 -16.49
CA PHE B 153 -5.93 7.86 -15.32
C PHE B 153 -4.56 8.52 -15.44
N VAL B 154 -3.63 7.82 -16.08
CA VAL B 154 -2.24 8.25 -16.18
C VAL B 154 -1.78 8.20 -17.64
N GLY B 155 -1.24 9.31 -18.13
CA GLY B 155 -0.64 9.35 -19.47
C GLY B 155 -1.60 9.03 -20.59
N ASN B 156 -1.07 8.46 -21.67
CA ASN B 156 -1.90 8.07 -22.82
C ASN B 156 -1.87 6.56 -23.07
N ASN B 157 -1.49 5.80 -22.04
CA ASN B 157 -1.46 4.35 -22.11
C ASN B 157 -2.01 3.73 -20.83
N LEU B 158 -2.51 2.50 -20.97
CA LEU B 158 -3.03 1.71 -19.85
C LEU B 158 -1.99 1.54 -18.75
N THR B 159 -2.39 1.81 -17.51
CA THR B 159 -1.57 1.47 -16.36
C THR B 159 -2.33 0.54 -15.43
N TYR B 160 -1.62 -0.04 -14.47
CA TYR B 160 -2.26 -0.87 -13.46
C TYR B 160 -3.23 -0.06 -12.60
N ALA B 161 -3.09 1.26 -12.59
CA ALA B 161 -4.07 2.14 -11.93
C ALA B 161 -5.46 2.02 -12.56
N ASP B 162 -5.53 1.95 -13.89
CA ASP B 162 -6.79 1.73 -14.62
C ASP B 162 -7.48 0.45 -14.19
N LEU B 163 -6.70 -0.64 -14.15
CA LEU B 163 -7.18 -1.96 -13.76
C LEU B 163 -7.60 -1.97 -12.30
N ALA B 164 -6.85 -1.28 -11.45
CA ALA B 164 -7.19 -1.17 -10.03
C ALA B 164 -8.54 -0.45 -9.80
N VAL B 165 -8.72 0.69 -10.46
CA VAL B 165 -9.99 1.44 -10.37
C VAL B 165 -11.14 0.61 -10.96
N PHE B 166 -10.91 -0.02 -12.10
CA PHE B 166 -11.90 -0.95 -12.65
C PHE B 166 -12.31 -2.02 -11.63
N ASN B 167 -11.30 -2.68 -11.05
CA ASN B 167 -11.55 -3.77 -10.09
C ASN B 167 -12.32 -3.31 -8.86
N LEU B 168 -11.98 -2.12 -8.38
CA LEU B 168 -12.61 -1.51 -7.22
C LEU B 168 -14.12 -1.41 -7.42
N TYR B 169 -14.52 -0.79 -8.53
CA TYR B 169 -15.93 -0.55 -8.79
C TYR B 169 -16.67 -1.82 -9.22
N ASP B 170 -15.95 -2.72 -9.89
CA ASP B 170 -16.48 -4.05 -10.19
C ASP B 170 -16.83 -4.81 -8.89
N ASP B 171 -15.96 -4.69 -7.89
CA ASP B 171 -16.17 -5.31 -6.58
C ASP B 171 -17.35 -4.65 -5.85
N ILE B 172 -17.35 -3.31 -5.82
CA ILE B 172 -18.42 -2.55 -5.15
C ILE B 172 -19.78 -2.83 -5.78
N GLU B 173 -19.83 -2.85 -7.12
CA GLU B 173 -21.09 -3.02 -7.86
C GLU B 173 -21.68 -4.43 -7.78
N THR B 174 -20.88 -5.40 -7.36
CA THR B 174 -21.38 -6.75 -7.06
C THR B 174 -22.36 -6.68 -5.88
N LYS B 175 -22.10 -5.79 -4.93
CA LYS B 175 -22.99 -5.57 -3.80
C LYS B 175 -23.93 -4.38 -3.99
N TYR B 176 -23.45 -3.32 -4.65
CA TYR B 176 -24.24 -2.12 -4.91
C TYR B 176 -24.13 -1.64 -6.36
N PRO B 177 -25.02 -2.17 -7.25
CA PRO B 177 -24.96 -2.01 -8.71
C PRO B 177 -25.05 -0.60 -9.30
N SER B 178 -25.78 0.30 -8.64
CA SER B 178 -26.06 1.63 -9.22
C SER B 178 -25.05 2.70 -8.79
N SER B 179 -23.81 2.28 -8.52
CA SER B 179 -22.82 3.16 -7.90
C SER B 179 -22.22 4.24 -8.80
N LEU B 180 -22.31 4.06 -10.12
CA LEU B 180 -21.66 4.96 -11.08
C LEU B 180 -22.58 5.88 -11.89
N LYS B 181 -23.87 5.88 -11.56
CA LYS B 181 -24.87 6.68 -12.28
C LYS B 181 -24.50 8.16 -12.46
N ASN B 182 -23.94 8.76 -11.41
CA ASN B 182 -23.63 10.21 -11.39
C ASN B 182 -22.19 10.57 -11.80
N PHE B 183 -21.43 9.59 -12.29
CA PHE B 183 -20.01 9.78 -12.56
C PHE B 183 -19.66 9.31 -13.97
N PRO B 184 -19.93 10.17 -14.98
CA PRO B 184 -19.92 9.71 -16.38
C PRO B 184 -18.55 9.27 -16.89
N LEU B 185 -17.49 9.97 -16.50
CA LEU B 185 -16.13 9.63 -16.95
C LEU B 185 -15.65 8.33 -16.31
N LEU B 186 -16.00 8.16 -15.05
CA LEU B 186 -15.71 6.95 -14.30
C LEU B 186 -16.47 5.75 -14.86
N LYS B 187 -17.75 5.94 -15.18
CA LYS B 187 -18.57 4.90 -15.81
C LYS B 187 -17.96 4.48 -17.15
N ALA B 188 -17.65 5.48 -17.99
CA ALA B 188 -17.03 5.28 -19.29
C ALA B 188 -15.68 4.55 -19.19
N HIS B 189 -14.87 4.94 -18.22
CA HIS B 189 -13.55 4.32 -17.97
C HIS B 189 -13.71 2.84 -17.66
N ASN B 190 -14.64 2.52 -16.77
CA ASN B 190 -14.83 1.15 -16.34
C ASN B 190 -15.45 0.28 -17.46
N GLU B 191 -16.30 0.89 -18.29
CA GLU B 191 -16.80 0.25 -19.50
C GLU B 191 -15.66 -0.03 -20.49
N PHE B 192 -14.82 0.99 -20.71
CA PHE B 192 -13.61 0.88 -21.55
C PHE B 192 -12.71 -0.29 -21.11
N ILE B 193 -12.42 -0.38 -19.82
CA ILE B 193 -11.54 -1.44 -19.29
C ILE B 193 -12.15 -2.83 -19.42
N SER B 194 -13.44 -2.94 -19.09
CA SER B 194 -14.14 -4.23 -19.15
C SER B 194 -14.19 -4.84 -20.56
N ASN B 195 -14.08 -3.99 -21.58
CA ASN B 195 -14.21 -4.41 -22.98
C ASN B 195 -12.87 -4.54 -23.72
N LEU B 196 -11.77 -4.35 -22.99
CA LEU B 196 -10.43 -4.54 -23.55
C LEU B 196 -10.25 -5.99 -24.01
N PRO B 197 -9.72 -6.20 -25.24
CA PRO B 197 -9.54 -7.53 -25.84
C PRO B 197 -9.14 -8.68 -24.92
N ASN B 198 -8.27 -8.42 -23.95
CA ASN B 198 -7.83 -9.47 -23.01
C ASN B 198 -8.61 -9.53 -21.71
N ILE B 199 -9.31 -8.44 -21.38
CA ILE B 199 -10.10 -8.37 -20.16
C ILE B 199 -11.48 -8.97 -20.35
N LYS B 200 -12.11 -8.68 -21.49
CA LYS B 200 -13.52 -9.01 -21.72
C LYS B 200 -13.85 -10.48 -21.46
N ASN B 201 -13.07 -11.37 -22.07
CA ASN B 201 -13.29 -12.81 -21.98
C ASN B 201 -13.08 -13.31 -20.55
N TYR B 202 -12.06 -12.79 -19.88
CA TYR B 202 -11.77 -13.21 -18.51
C TYR B 202 -12.89 -12.85 -17.54
N ILE B 203 -13.31 -11.58 -17.55
CA ILE B 203 -14.34 -11.05 -16.65
CA ILE B 203 -14.31 -11.11 -16.60
C ILE B 203 -15.69 -11.71 -16.83
N THR B 204 -16.04 -11.97 -18.09
CA THR B 204 -17.35 -12.55 -18.38
C THR B 204 -17.40 -14.05 -18.06
N ASN B 205 -16.25 -14.72 -18.10
CA ASN B 205 -16.18 -16.16 -17.88
C ASN B 205 -15.47 -16.67 -16.61
N ARG B 206 -15.23 -15.77 -15.67
CA ARG B 206 -14.70 -16.17 -14.37
C ARG B 206 -15.89 -16.53 -13.47
N LYS B 207 -15.69 -17.50 -12.58
CA LYS B 207 -16.75 -17.93 -11.68
C LYS B 207 -17.19 -16.79 -10.78
N GLU B 208 -18.51 -16.64 -10.62
CA GLU B 208 -19.09 -15.56 -9.83
C GLU B 208 -18.77 -15.69 -8.33
N SER B 209 -18.91 -14.59 -7.61
CA SER B 209 -18.63 -14.48 -6.16
C SER B 209 -17.14 -14.39 -5.82
N VAL B 210 -16.79 -13.35 -5.07
CA VAL B 210 -15.45 -13.18 -4.53
C VAL B 210 -15.50 -12.54 -3.17
N TYR B 211 -14.67 -11.51 -2.98
CA TYR B 211 -14.65 -10.68 -1.76
C TYR B 211 -13.46 -10.95 -0.84
#